data_4UT1
#
_entry.id   4UT1
#
_cell.length_a   41.597
_cell.length_b   113.005
_cell.length_c   62.234
_cell.angle_alpha   90.00
_cell.angle_beta   106.08
_cell.angle_gamma   90.00
#
_symmetry.space_group_name_H-M   'P 1 21 1'
#
loop_
_entity.id
_entity.type
_entity.pdbx_description
1 polymer 'FLAGELLAR HOOK-ASSOCIATED PROTEIN'
2 non-polymer 1,2-ETHANEDIOL
3 water water
#
_entity_poly.entity_id   1
_entity_poly.type   'polypeptide(L)'
_entity_poly.pdbx_seq_one_letter_code
;MRGSHHHHHHGMASMTGGQQMGRDLYDDDDKDHPFTATPGYSVERPVYAEASGQYTSSGYLPQGVSTVTVERQYNQYLSN
QLNAAQTQGSSLSTYYTLVAQLNNYVGSPTAGIATAITNYFTGLQTVANNAADPSARQTAMSNAQTLASQLVAAGQQYSQ
LRQSVNSQLTDTVTQINSYTSQIAQLNEQIASASSQGQPPNQLLDQRDLAVSKLSQLAGVQVVQSNGNYSVFLSGGQPLV
VGNASYQLATVASPSDPSELTIVSKGVAGSAQPGPTQYLPDVSLTGGALGGLLAFRSQTLDPAQAQLGALAVSFASQVNA
QNALGVDMSGNPGGSLFAVGAPAVYANQNNTGSATLSVSFVDGTQPTTSDYALSYDGAKYTLTDRATGSVVGTATPSSTP
PTMTIGGLKLSLSSTPNAGDSFTVLPTRGALDGFSLATANGSAIAAASPVLAAGVATNSGTGVISQGSVSAGYQLPSGTT
TLAYNAASKTLSGFPVGTTVTIAGTPPTSINITSATTPVPYDPSKGASMTISSTTQPAPSGVMNGVSVSLSGTPADGDQF
TIGANKGTNDGRNALALSQLVNSKTMNNGTTTLTGAYAGYVNAIGNAASQLKASSAAQTALVGQITQAQQSVSGVNQNEE
AANLMQYQQLYQANAKVIQTANSVFQTVLGLFN
;
_entity_poly.pdbx_strand_id   A
#
# COMPACT_ATOMS: atom_id res chain seq x y z
N SER A 79 -44.96 1.01 -3.24
CA SER A 79 -44.84 1.79 -2.01
C SER A 79 -43.37 2.06 -1.69
N ASN A 80 -43.11 3.13 -0.93
CA ASN A 80 -41.76 3.52 -0.62
C ASN A 80 -41.04 2.52 0.29
N GLN A 81 -41.80 1.68 0.96
CA GLN A 81 -41.22 0.66 1.83
C GLN A 81 -40.61 -0.46 0.98
N LEU A 82 -41.35 -0.94 0.00
CA LEU A 82 -40.82 -1.94 -0.91
C LEU A 82 -39.62 -1.38 -1.68
N ASN A 83 -39.72 -0.14 -2.13
CA ASN A 83 -38.63 0.50 -2.86
C ASN A 83 -37.33 0.52 -2.05
N ALA A 84 -37.42 0.90 -0.78
CA ALA A 84 -36.23 0.98 0.06
C ALA A 84 -35.64 -0.41 0.29
N ALA A 85 -36.50 -1.37 0.58
CA ALA A 85 -36.05 -2.73 0.84
C ALA A 85 -35.43 -3.31 -0.43
N GLN A 86 -36.12 -3.14 -1.55
CA GLN A 86 -35.62 -3.62 -2.83
C GLN A 86 -34.24 -3.01 -3.14
N THR A 87 -34.09 -1.71 -2.92
CA THR A 87 -32.85 -1.05 -3.30
C THR A 87 -31.68 -1.48 -2.40
N GLN A 88 -31.97 -1.76 -1.12
CA GLN A 88 -30.97 -2.33 -0.22
C GLN A 88 -30.58 -3.75 -0.65
N GLY A 89 -31.56 -4.51 -1.12
CA GLY A 89 -31.32 -5.88 -1.54
C GLY A 89 -30.46 -5.93 -2.79
N SER A 90 -30.76 -5.06 -3.75
CA SER A 90 -29.99 -4.98 -4.98
C SER A 90 -28.56 -4.50 -4.72
N SER A 91 -28.41 -3.57 -3.79
CA SER A 91 -27.09 -3.11 -3.39
C SER A 91 -26.27 -4.25 -2.77
N LEU A 92 -26.87 -4.93 -1.80
CA LEU A 92 -26.18 -6.05 -1.13
C LEU A 92 -25.81 -7.17 -2.09
N SER A 93 -26.71 -7.49 -3.03
CA SER A 93 -26.45 -8.61 -3.92
C SER A 93 -25.40 -8.21 -4.95
N THR A 94 -25.44 -6.96 -5.40
CA THR A 94 -24.39 -6.44 -6.29
C THR A 94 -23.02 -6.47 -5.58
N TYR A 95 -22.97 -5.97 -4.36
CA TYR A 95 -21.73 -5.94 -3.58
C TYR A 95 -21.25 -7.38 -3.35
N TYR A 96 -22.15 -8.25 -2.88
CA TYR A 96 -21.78 -9.65 -2.68
C TYR A 96 -21.15 -10.29 -3.93
N THR A 97 -21.84 -10.17 -5.07
CA THR A 97 -21.36 -10.78 -6.30
C THR A 97 -19.93 -10.34 -6.61
N LEU A 98 -19.65 -9.05 -6.43
CA LEU A 98 -18.34 -8.52 -6.77
C LEU A 98 -17.28 -8.98 -5.80
N VAL A 99 -17.58 -8.98 -4.51
CA VAL A 99 -16.56 -9.37 -3.53
C VAL A 99 -16.39 -10.88 -3.56
N ALA A 100 -17.45 -11.61 -3.90
CA ALA A 100 -17.31 -13.06 -4.03
C ALA A 100 -16.36 -13.38 -5.18
N GLN A 101 -16.52 -12.67 -6.30
CA GLN A 101 -15.62 -12.77 -7.44
C GLN A 101 -14.17 -12.49 -7.02
N LEU A 102 -13.94 -11.39 -6.31
CA LEU A 102 -12.61 -11.05 -5.83
C LEU A 102 -12.06 -12.14 -4.89
N ASN A 103 -12.89 -12.58 -3.96
CA ASN A 103 -12.48 -13.57 -2.97
C ASN A 103 -12.04 -14.89 -3.60
N ASN A 104 -12.79 -15.34 -4.59
CA ASN A 104 -12.50 -16.57 -5.31
C ASN A 104 -11.19 -16.42 -6.04
N TYR A 105 -10.96 -15.22 -6.57
CA TYR A 105 -9.70 -14.94 -7.23
C TYR A 105 -8.52 -14.98 -6.25
N VAL A 106 -8.64 -14.26 -5.14
CA VAL A 106 -7.53 -14.11 -4.19
C VAL A 106 -7.13 -15.43 -3.52
N GLY A 107 -8.11 -16.26 -3.19
CA GLY A 107 -7.82 -17.58 -2.61
C GLY A 107 -7.38 -17.55 -1.15
N SER A 108 -6.51 -18.48 -0.78
CA SER A 108 -6.16 -18.71 0.62
C SER A 108 -5.19 -17.67 1.20
N PRO A 109 -5.39 -17.30 2.47
CA PRO A 109 -4.53 -16.30 3.12
C PRO A 109 -3.12 -16.83 3.36
N THR A 110 -2.94 -18.13 3.20
CA THR A 110 -1.64 -18.78 3.44
C THR A 110 -1.10 -19.43 2.18
N ALA A 111 -1.59 -19.00 1.02
CA ALA A 111 -1.11 -19.52 -0.25
C ALA A 111 -0.81 -18.38 -1.22
N GLY A 112 -0.70 -18.72 -2.51
CA GLY A 112 -0.51 -17.72 -3.54
C GLY A 112 0.71 -16.86 -3.28
N ILE A 113 0.52 -15.55 -3.29
CA ILE A 113 1.63 -14.62 -3.12
C ILE A 113 2.39 -14.84 -1.79
N ALA A 114 1.68 -15.24 -0.74
CA ALA A 114 2.35 -15.53 0.53
C ALA A 114 3.34 -16.68 0.36
N THR A 115 2.94 -17.68 -0.40
CA THR A 115 3.83 -18.82 -0.65
C THR A 115 5.02 -18.40 -1.51
N ALA A 116 4.77 -17.57 -2.53
CA ALA A 116 5.85 -17.10 -3.40
C ALA A 116 6.87 -16.29 -2.59
N ILE A 117 6.40 -15.50 -1.64
CA ILE A 117 7.30 -14.71 -0.79
C ILE A 117 8.16 -15.64 0.07
N THR A 118 7.51 -16.57 0.77
CA THR A 118 8.23 -17.55 1.60
C THR A 118 9.30 -18.29 0.80
N ASN A 119 8.93 -18.73 -0.40
CA ASN A 119 9.83 -19.48 -1.26
C ASN A 119 11.02 -18.66 -1.73
N TYR A 120 10.80 -17.37 -1.96
CA TYR A 120 11.89 -16.49 -2.37
C TYR A 120 12.94 -16.40 -1.27
N PHE A 121 12.49 -16.17 -0.04
CA PHE A 121 13.43 -16.07 1.06
C PHE A 121 14.11 -17.41 1.39
N THR A 122 13.41 -18.54 1.27
CA THR A 122 14.11 -19.80 1.55
C THR A 122 15.11 -20.11 0.42
N GLY A 123 14.81 -19.65 -0.78
CA GLY A 123 15.76 -19.76 -1.88
C GLY A 123 17.09 -19.09 -1.56
N LEU A 124 17.03 -17.96 -0.86
CA LEU A 124 18.23 -17.20 -0.52
C LEU A 124 19.01 -17.89 0.59
N GLN A 125 18.31 -18.69 1.39
CA GLN A 125 19.01 -19.50 2.39
C GLN A 125 19.88 -20.56 1.71
N THR A 126 19.38 -21.12 0.62
CA THR A 126 20.15 -22.06 -0.18
C THR A 126 21.39 -21.38 -0.72
N VAL A 127 21.24 -20.14 -1.18
CA VAL A 127 22.37 -19.40 -1.66
C VAL A 127 23.35 -19.18 -0.50
N ALA A 128 22.81 -18.96 0.69
CA ALA A 128 23.65 -18.63 1.84
C ALA A 128 24.64 -19.76 2.14
N ASN A 129 24.24 -20.99 1.84
CA ASN A 129 25.07 -22.17 2.10
C ASN A 129 25.87 -22.61 0.89
N ASN A 130 25.62 -21.97 -0.25
CA ASN A 130 26.27 -22.29 -1.51
C ASN A 130 26.51 -21.00 -2.27
N ALA A 131 27.22 -20.07 -1.64
CA ALA A 131 27.21 -18.69 -2.09
C ALA A 131 27.83 -18.49 -3.48
N ALA A 132 28.74 -19.37 -3.86
CA ALA A 132 29.40 -19.24 -5.17
C ALA A 132 28.69 -20.03 -6.27
N ASP A 133 27.70 -20.85 -5.90
CA ASP A 133 27.07 -21.74 -6.86
C ASP A 133 26.08 -21.05 -7.82
N PRO A 134 26.34 -21.14 -9.14
CA PRO A 134 25.52 -20.50 -10.15
C PRO A 134 24.08 -21.01 -10.16
N SER A 135 23.91 -22.30 -9.86
CA SER A 135 22.60 -22.92 -9.91
C SER A 135 21.68 -22.43 -8.80
N ALA A 136 22.21 -22.35 -7.59
CA ALA A 136 21.41 -21.86 -6.46
C ALA A 136 20.96 -20.42 -6.73
N ARG A 137 21.80 -19.65 -7.41
CA ARG A 137 21.50 -18.25 -7.70
C ARG A 137 20.44 -18.20 -8.78
N GLN A 138 20.55 -19.09 -9.76
CA GLN A 138 19.55 -19.16 -10.81
C GLN A 138 18.16 -19.54 -10.25
N THR A 139 18.14 -20.48 -9.32
CA THR A 139 16.91 -20.89 -8.68
C THR A 139 16.28 -19.72 -7.92
N ALA A 140 17.11 -19.00 -7.16
CA ALA A 140 16.64 -17.81 -6.46
C ALA A 140 15.98 -16.81 -7.40
N MET A 141 16.58 -16.60 -8.57
CA MET A 141 16.02 -15.65 -9.53
C MET A 141 14.70 -16.17 -10.13
N SER A 142 14.57 -17.49 -10.29
CA SER A 142 13.32 -18.07 -10.76
C SER A 142 12.20 -17.86 -9.75
N ASN A 143 12.54 -17.99 -8.46
CA ASN A 143 11.62 -17.67 -7.37
C ASN A 143 11.16 -16.22 -7.42
N ALA A 144 12.12 -15.33 -7.69
CA ALA A 144 11.81 -13.90 -7.85
C ALA A 144 10.85 -13.69 -9.03
N GLN A 145 11.10 -14.41 -10.13
CA GLN A 145 10.27 -14.23 -11.33
C GLN A 145 8.86 -14.74 -11.10
N THR A 146 8.75 -15.83 -10.35
CA THR A 146 7.48 -16.39 -9.95
C THR A 146 6.67 -15.41 -9.13
N LEU A 147 7.32 -14.81 -8.14
CA LEU A 147 6.68 -13.80 -7.33
C LEU A 147 6.25 -12.60 -8.16
N ALA A 148 7.12 -12.13 -9.05
CA ALA A 148 6.82 -10.95 -9.86
C ALA A 148 5.63 -11.23 -10.77
N SER A 149 5.60 -12.43 -11.32
CA SER A 149 4.49 -12.80 -12.19
C SER A 149 3.16 -12.68 -11.46
N GLN A 150 3.13 -13.14 -10.22
CA GLN A 150 1.88 -13.14 -9.46
C GLN A 150 1.47 -11.73 -9.06
N LEU A 151 2.45 -10.94 -8.63
CA LEU A 151 2.16 -9.56 -8.25
C LEU A 151 1.69 -8.74 -9.46
N VAL A 152 2.38 -8.84 -10.58
CA VAL A 152 1.98 -8.13 -11.80
C VAL A 152 0.59 -8.61 -12.28
N ALA A 153 0.34 -9.92 -12.30
CA ALA A 153 -0.98 -10.43 -12.68
C ALA A 153 -2.04 -9.94 -11.70
N ALA A 154 -1.70 -9.85 -10.42
CA ALA A 154 -2.62 -9.29 -9.44
C ALA A 154 -3.00 -7.84 -9.80
N GLY A 155 -2.01 -7.05 -10.23
CA GLY A 155 -2.29 -5.67 -10.62
C GLY A 155 -3.30 -5.63 -11.76
N GLN A 156 -3.11 -6.53 -12.73
CA GLN A 156 -4.03 -6.62 -13.86
C GLN A 156 -5.44 -7.00 -13.42
N GLN A 157 -5.55 -7.95 -12.49
CA GLN A 157 -6.87 -8.38 -11.99
C GLN A 157 -7.59 -7.26 -11.26
N TYR A 158 -6.87 -6.53 -10.42
CA TYR A 158 -7.50 -5.43 -9.73
C TYR A 158 -7.96 -4.35 -10.70
N SER A 159 -7.15 -4.01 -11.70
CA SER A 159 -7.55 -2.97 -12.62
C SER A 159 -8.69 -3.48 -13.51
N GLN A 160 -8.71 -4.79 -13.75
CA GLN A 160 -9.77 -5.35 -14.57
C GLN A 160 -11.12 -5.27 -13.86
N LEU A 161 -11.12 -5.65 -12.59
CA LEU A 161 -12.29 -5.48 -11.72
C LEU A 161 -12.70 -4.01 -11.64
N ARG A 162 -11.70 -3.12 -11.52
CA ARG A 162 -11.99 -1.69 -11.42
C ARG A 162 -12.66 -1.20 -12.70
N GLN A 163 -12.20 -1.70 -13.84
CA GLN A 163 -12.81 -1.30 -15.10
C GLN A 163 -14.18 -1.95 -15.29
N SER A 164 -14.33 -3.19 -14.83
CA SER A 164 -15.63 -3.85 -14.82
C SER A 164 -16.64 -3.01 -14.04
N VAL A 165 -16.22 -2.46 -12.90
CA VAL A 165 -17.10 -1.55 -12.17
C VAL A 165 -17.46 -0.31 -13.02
N ASN A 166 -16.47 0.28 -13.69
CA ASN A 166 -16.74 1.39 -14.60
C ASN A 166 -17.81 1.09 -15.62
N SER A 167 -17.65 -0.02 -16.32
CA SER A 167 -18.62 -0.40 -17.35
C SER A 167 -20.01 -0.63 -16.77
N GLN A 168 -20.07 -1.26 -15.60
CA GLN A 168 -21.36 -1.52 -14.98
C GLN A 168 -22.04 -0.26 -14.48
N LEU A 169 -21.24 0.68 -13.97
CA LEU A 169 -21.77 2.01 -13.62
C LEU A 169 -22.43 2.65 -14.83
N THR A 170 -21.75 2.65 -15.96
CA THR A 170 -22.32 3.26 -17.17
C THR A 170 -23.59 2.54 -17.64
N ASP A 171 -23.54 1.21 -17.65
CA ASP A 171 -24.72 0.44 -18.04
C ASP A 171 -25.87 0.72 -17.10
N THR A 172 -25.55 0.87 -15.81
CA THR A 172 -26.56 1.10 -14.81
C THR A 172 -27.22 2.46 -15.06
N VAL A 173 -26.40 3.46 -15.41
CA VAL A 173 -26.91 4.80 -15.67
C VAL A 173 -27.76 4.83 -16.94
N THR A 174 -27.35 4.10 -17.97
CA THR A 174 -28.14 4.03 -19.20
C THR A 174 -29.55 3.50 -18.90
N GLN A 175 -29.61 2.46 -18.07
CA GLN A 175 -30.90 1.88 -17.74
C GLN A 175 -31.72 2.83 -16.88
N ILE A 176 -31.07 3.45 -15.90
CA ILE A 176 -31.74 4.46 -15.09
C ILE A 176 -32.39 5.55 -15.96
N ASN A 177 -31.67 6.05 -16.96
CA ASN A 177 -32.21 7.10 -17.81
C ASN A 177 -33.40 6.60 -18.59
N SER A 178 -33.33 5.33 -19.01
CA SER A 178 -34.45 4.72 -19.71
C SER A 178 -35.70 4.68 -18.84
N TYR A 179 -35.55 4.26 -17.60
CA TYR A 179 -36.70 4.16 -16.69
C TYR A 179 -37.25 5.51 -16.25
N THR A 180 -36.39 6.49 -16.00
CA THR A 180 -36.87 7.80 -15.58
C THR A 180 -37.65 8.46 -16.72
N SER A 181 -37.14 8.35 -17.94
CA SER A 181 -37.85 8.83 -19.11
C SER A 181 -39.22 8.16 -19.24
N GLN A 182 -39.27 6.85 -18.98
CA GLN A 182 -40.52 6.10 -19.06
C GLN A 182 -41.54 6.59 -18.05
N ILE A 183 -41.07 6.86 -16.85
CA ILE A 183 -41.93 7.32 -15.77
C ILE A 183 -42.45 8.74 -16.04
N ALA A 184 -41.60 9.62 -16.57
CA ALA A 184 -42.08 10.96 -16.97
C ALA A 184 -43.13 10.82 -18.07
N GLN A 185 -42.86 9.95 -19.04
CA GLN A 185 -43.79 9.71 -20.15
C GLN A 185 -45.14 9.22 -19.62
N LEU A 186 -45.09 8.32 -18.64
CA LEU A 186 -46.28 7.75 -18.04
C LEU A 186 -47.05 8.75 -17.20
N ASN A 187 -46.34 9.62 -16.47
CA ASN A 187 -46.99 10.71 -15.76
C ASN A 187 -47.90 11.52 -16.69
N GLU A 188 -47.37 11.86 -17.87
CA GLU A 188 -48.11 12.63 -18.88
C GLU A 188 -49.26 11.82 -19.47
N GLN A 189 -49.01 10.55 -19.79
CA GLN A 189 -50.02 9.68 -20.38
C GLN A 189 -51.17 9.41 -19.41
N ILE A 190 -50.83 9.26 -18.14
CA ILE A 190 -51.83 9.01 -17.10
C ILE A 190 -52.69 10.25 -16.85
N ALA A 191 -52.04 11.41 -16.75
CA ALA A 191 -52.74 12.66 -16.53
C ALA A 191 -53.64 13.03 -17.71
N SER A 192 -53.23 12.63 -18.91
CA SER A 192 -54.00 12.90 -20.10
C SER A 192 -55.24 12.02 -20.16
N ALA A 193 -55.13 10.80 -19.63
CA ALA A 193 -56.28 9.89 -19.58
C ALA A 193 -57.29 10.37 -18.56
N SER A 194 -56.80 10.87 -17.43
CA SER A 194 -57.66 11.44 -16.40
C SER A 194 -58.14 12.83 -16.80
N SER A 195 -58.00 13.14 -18.09
CA SER A 195 -58.42 14.43 -18.63
C SER A 195 -59.72 14.29 -19.43
N PRO A 200 -57.34 4.47 -16.18
CA PRO A 200 -56.34 3.72 -16.93
C PRO A 200 -55.44 2.91 -16.00
N ASN A 201 -55.96 1.80 -15.47
CA ASN A 201 -55.23 1.01 -14.50
C ASN A 201 -53.94 0.44 -15.08
N GLN A 202 -53.91 0.21 -16.39
CA GLN A 202 -52.79 -0.45 -17.03
C GLN A 202 -51.54 0.43 -17.08
N LEU A 203 -51.75 1.73 -17.29
CA LEU A 203 -50.64 2.68 -17.25
C LEU A 203 -50.11 2.81 -15.83
N LEU A 204 -51.01 2.82 -14.86
CA LEU A 204 -50.61 2.88 -13.45
C LEU A 204 -49.68 1.72 -13.11
N ASP A 205 -49.95 0.55 -13.69
CA ASP A 205 -49.14 -0.64 -13.48
C ASP A 205 -47.78 -0.54 -14.15
N GLN A 206 -47.79 -0.05 -15.39
CA GLN A 206 -46.57 0.11 -16.17
C GLN A 206 -45.61 1.08 -15.46
N ARG A 207 -46.16 2.12 -14.86
CA ARG A 207 -45.36 3.09 -14.13
C ARG A 207 -44.77 2.48 -12.86
N ASP A 208 -45.59 1.74 -12.13
CA ASP A 208 -45.14 1.07 -10.91
C ASP A 208 -44.03 0.06 -11.18
N LEU A 209 -44.16 -0.70 -12.27
CA LEU A 209 -43.14 -1.65 -12.66
C LEU A 209 -41.85 -0.92 -13.02
N ALA A 210 -41.99 0.26 -13.62
CA ALA A 210 -40.83 1.07 -13.96
C ALA A 210 -40.10 1.51 -12.70
N VAL A 211 -40.86 1.98 -11.70
CA VAL A 211 -40.26 2.39 -10.43
C VAL A 211 -39.55 1.22 -9.76
N SER A 212 -40.15 0.04 -9.87
CA SER A 212 -39.57 -1.17 -9.29
C SER A 212 -38.22 -1.43 -9.91
N LYS A 213 -38.23 -1.57 -11.24
CA LYS A 213 -37.00 -1.77 -11.99
C LYS A 213 -35.97 -0.70 -11.64
N LEU A 214 -36.40 0.55 -11.58
CA LEU A 214 -35.50 1.65 -11.23
C LEU A 214 -34.84 1.50 -9.85
N SER A 215 -35.61 1.08 -8.84
CA SER A 215 -35.06 0.97 -7.49
C SER A 215 -34.02 -0.15 -7.38
N GLN A 216 -34.02 -1.08 -8.32
CA GLN A 216 -32.98 -2.11 -8.36
C GLN A 216 -31.66 -1.54 -8.88
N LEU A 217 -31.72 -0.36 -9.49
CA LEU A 217 -30.54 0.25 -10.05
C LEU A 217 -29.99 1.35 -9.16
N ALA A 218 -30.87 2.01 -8.42
CA ALA A 218 -30.46 3.10 -7.56
C ALA A 218 -31.49 3.35 -6.47
N GLY A 219 -31.03 3.91 -5.35
CA GLY A 219 -31.92 4.25 -4.26
C GLY A 219 -32.77 5.43 -4.68
N VAL A 220 -34.08 5.20 -4.75
CA VAL A 220 -35.02 6.24 -5.14
C VAL A 220 -36.18 6.35 -4.18
N GLN A 221 -36.69 7.56 -4.05
CA GLN A 221 -37.91 7.81 -3.30
C GLN A 221 -38.91 8.53 -4.22
N VAL A 222 -40.13 8.02 -4.26
CA VAL A 222 -41.16 8.62 -5.09
C VAL A 222 -42.10 9.42 -4.20
N VAL A 223 -42.68 10.47 -4.77
CA VAL A 223 -43.67 11.24 -4.04
C VAL A 223 -44.86 11.60 -4.95
N GLN A 224 -46.06 11.43 -4.43
CA GLN A 224 -47.27 11.79 -5.15
C GLN A 224 -47.42 13.30 -5.31
N SER A 225 -48.07 13.70 -6.39
CA SER A 225 -48.35 15.12 -6.66
C SER A 225 -49.35 15.27 -7.79
N ASN A 226 -50.64 15.42 -7.45
CA ASN A 226 -51.70 15.52 -8.44
C ASN A 226 -51.82 14.28 -9.31
N GLY A 227 -51.50 13.12 -8.74
CA GLY A 227 -51.52 11.89 -9.50
C GLY A 227 -50.21 11.64 -10.22
N ASN A 228 -49.31 12.61 -10.19
CA ASN A 228 -47.97 12.44 -10.76
C ASN A 228 -47.06 11.66 -9.82
N TYR A 229 -46.03 11.04 -10.38
CA TYR A 229 -44.91 10.52 -9.60
C TYR A 229 -43.71 11.45 -9.75
N SER A 230 -43.35 12.18 -8.71
CA SER A 230 -42.02 12.78 -8.70
C SER A 230 -41.04 11.75 -8.14
N VAL A 231 -39.87 11.63 -8.76
CA VAL A 231 -38.89 10.64 -8.31
C VAL A 231 -37.55 11.28 -8.01
N PHE A 232 -36.97 10.91 -6.87
CA PHE A 232 -35.72 11.47 -6.42
C PHE A 232 -34.75 10.37 -6.00
N LEU A 233 -33.48 10.59 -6.29
CA LEU A 233 -32.42 9.78 -5.69
C LEU A 233 -32.44 10.00 -4.20
N SER A 234 -32.06 8.98 -3.43
CA SER A 234 -32.13 9.06 -1.98
C SER A 234 -31.41 10.30 -1.46
N GLY A 235 -30.38 10.73 -2.19
CA GLY A 235 -29.58 11.88 -1.79
C GLY A 235 -30.19 13.21 -2.12
N GLY A 236 -31.31 13.19 -2.84
CA GLY A 236 -32.07 14.40 -3.13
C GLY A 236 -32.18 14.78 -4.60
N GLN A 237 -31.30 14.25 -5.42
CA GLN A 237 -31.26 14.59 -6.84
C GLN A 237 -32.56 14.17 -7.52
N PRO A 238 -33.27 15.13 -8.13
CA PRO A 238 -34.49 14.72 -8.84
C PRO A 238 -34.19 13.82 -10.05
N LEU A 239 -35.04 12.84 -10.29
CA LEU A 239 -34.95 12.01 -11.48
C LEU A 239 -36.16 12.24 -12.38
N VAL A 240 -37.32 12.36 -11.75
CA VAL A 240 -38.56 12.67 -12.46
C VAL A 240 -39.32 13.75 -11.71
N VAL A 241 -39.76 14.76 -12.45
CA VAL A 241 -40.62 15.79 -11.91
C VAL A 241 -41.72 16.03 -12.93
N GLY A 242 -42.93 15.57 -12.61
CA GLY A 242 -44.04 15.62 -13.55
C GLY A 242 -43.73 14.88 -14.84
N ASN A 243 -43.81 15.60 -15.97
CA ASN A 243 -43.58 14.96 -17.27
C ASN A 243 -42.21 15.26 -17.84
N ALA A 244 -41.29 15.69 -16.95
CA ALA A 244 -39.89 15.87 -17.31
C ALA A 244 -39.02 14.86 -16.54
N SER A 245 -37.94 14.43 -17.16
CA SER A 245 -36.97 13.58 -16.45
C SER A 245 -35.58 14.21 -16.49
N TYR A 246 -34.73 13.79 -15.55
CA TYR A 246 -33.35 14.24 -15.49
C TYR A 246 -32.39 13.13 -15.93
N GLN A 247 -31.39 13.48 -16.72
CA GLN A 247 -30.43 12.51 -17.21
C GLN A 247 -29.20 12.43 -16.32
N LEU A 248 -28.82 11.22 -15.94
CA LEU A 248 -27.54 11.01 -15.27
C LEU A 248 -26.51 10.65 -16.30
N ALA A 249 -25.24 10.86 -15.97
CA ALA A 249 -24.15 10.38 -16.81
C ALA A 249 -23.01 9.85 -15.94
N THR A 250 -22.16 9.02 -16.54
CA THR A 250 -20.88 8.71 -15.92
C THR A 250 -19.81 9.55 -16.59
N VAL A 251 -18.88 10.05 -15.79
CA VAL A 251 -17.71 10.74 -16.29
C VAL A 251 -16.54 10.34 -15.39
N ALA A 252 -15.32 10.57 -15.86
CA ALA A 252 -14.14 10.31 -15.04
C ALA A 252 -14.28 11.09 -13.74
N SER A 253 -14.03 10.44 -12.61
CA SER A 253 -14.15 11.13 -11.33
C SER A 253 -13.07 12.20 -11.21
N PRO A 254 -13.41 13.32 -10.57
CA PRO A 254 -12.49 14.46 -10.46
C PRO A 254 -11.28 14.13 -9.57
N SER A 255 -11.37 13.08 -8.76
CA SER A 255 -10.26 12.73 -7.86
C SER A 255 -9.45 11.53 -8.33
N ASP A 256 -9.98 10.79 -9.30
CA ASP A 256 -9.32 9.58 -9.79
C ASP A 256 -9.86 9.23 -11.16
N PRO A 257 -9.09 9.56 -12.21
CA PRO A 257 -9.57 9.43 -13.60
C PRO A 257 -9.69 7.97 -14.03
N SER A 258 -9.13 7.05 -13.26
CA SER A 258 -9.30 5.62 -13.56
C SER A 258 -10.68 5.12 -13.10
N GLU A 259 -11.39 5.95 -12.35
CA GLU A 259 -12.69 5.57 -11.82
C GLU A 259 -13.77 6.54 -12.27
N LEU A 260 -14.86 5.98 -12.78
CA LEU A 260 -16.01 6.78 -13.17
C LEU A 260 -16.87 7.14 -11.97
N THR A 261 -17.50 8.31 -12.05
CA THR A 261 -18.41 8.74 -11.00
C THR A 261 -19.72 9.13 -11.68
N ILE A 262 -20.77 9.33 -10.90
CA ILE A 262 -22.08 9.68 -11.45
C ILE A 262 -22.30 11.20 -11.39
N VAL A 263 -22.86 11.76 -12.45
CA VAL A 263 -23.19 13.17 -12.45
C VAL A 263 -24.60 13.34 -12.99
N SER A 264 -25.18 14.49 -12.68
CA SER A 264 -26.43 14.89 -13.31
C SER A 264 -26.16 16.02 -14.29
N LYS A 265 -26.82 15.96 -15.44
CA LYS A 265 -26.61 16.95 -16.50
C LYS A 265 -27.82 17.87 -16.65
N GLY A 266 -28.70 17.84 -15.66
CA GLY A 266 -29.91 18.65 -15.69
C GLY A 266 -31.06 17.88 -16.33
N VAL A 267 -32.11 18.59 -16.74
CA VAL A 267 -33.23 17.92 -17.39
C VAL A 267 -32.80 17.34 -18.72
N ALA A 268 -33.41 16.21 -19.07
CA ALA A 268 -33.10 15.54 -20.32
C ALA A 268 -33.58 16.35 -21.52
N GLY A 269 -32.79 16.33 -22.59
CA GLY A 269 -33.15 16.98 -23.85
C GLY A 269 -32.82 18.45 -23.92
N SER A 270 -32.11 18.99 -22.92
CA SER A 270 -31.93 20.42 -22.84
C SER A 270 -30.91 20.97 -23.83
N ALA A 271 -31.11 22.21 -24.25
CA ALA A 271 -30.09 22.96 -24.96
C ALA A 271 -29.08 23.45 -23.94
N GLN A 272 -27.81 23.16 -24.20
CA GLN A 272 -26.72 23.47 -23.28
C GLN A 272 -27.04 23.06 -21.84
N PRO A 273 -26.82 21.77 -21.52
CA PRO A 273 -27.01 21.31 -20.14
C PRO A 273 -26.20 22.16 -19.15
N GLY A 274 -26.85 22.70 -18.13
CA GLY A 274 -26.22 23.56 -17.14
C GLY A 274 -25.06 22.84 -16.48
N PRO A 275 -24.29 23.55 -15.62
CA PRO A 275 -23.07 22.93 -15.08
C PRO A 275 -23.32 21.50 -14.59
N THR A 276 -22.53 20.58 -15.12
CA THR A 276 -22.54 19.20 -14.68
C THR A 276 -22.41 19.14 -13.16
N GLN A 277 -23.30 18.40 -12.53
CA GLN A 277 -23.31 18.28 -11.08
C GLN A 277 -22.68 16.98 -10.64
N TYR A 278 -21.64 17.07 -9.83
CA TYR A 278 -20.98 15.88 -9.31
C TYR A 278 -21.69 15.32 -8.09
N LEU A 279 -22.35 14.19 -8.24
CA LEU A 279 -22.98 13.52 -7.10
C LEU A 279 -21.94 12.67 -6.34
N PRO A 280 -21.75 12.96 -5.05
CA PRO A 280 -20.76 12.23 -4.23
C PRO A 280 -21.06 10.73 -4.17
N ASP A 281 -20.04 9.89 -4.36
CA ASP A 281 -20.24 8.44 -4.31
C ASP A 281 -21.03 8.01 -3.06
N VAL A 282 -20.67 8.61 -1.93
CA VAL A 282 -21.26 8.22 -0.65
C VAL A 282 -22.76 8.54 -0.58
N SER A 283 -23.23 9.49 -1.38
CA SER A 283 -24.65 9.85 -1.34
C SER A 283 -25.49 8.93 -2.23
N LEU A 284 -24.81 8.22 -3.13
CA LEU A 284 -25.45 7.39 -4.15
C LEU A 284 -25.69 5.99 -3.63
N THR A 285 -26.45 5.87 -2.55
CA THR A 285 -26.76 4.57 -1.98
C THR A 285 -27.89 3.84 -2.70
N GLY A 286 -27.95 2.54 -2.46
CA GLY A 286 -29.02 1.70 -2.96
C GLY A 286 -28.79 1.26 -4.38
N GLY A 287 -29.38 0.11 -4.71
CA GLY A 287 -29.36 -0.42 -6.06
C GLY A 287 -28.00 -0.86 -6.53
N ALA A 288 -27.91 -1.25 -7.80
CA ALA A 288 -26.65 -1.66 -8.38
C ALA A 288 -25.62 -0.56 -8.20
N LEU A 289 -26.08 0.68 -8.31
CA LEU A 289 -25.22 1.84 -8.14
C LEU A 289 -24.49 1.78 -6.82
N GLY A 290 -25.25 1.69 -5.74
CA GLY A 290 -24.66 1.72 -4.40
C GLY A 290 -23.79 0.51 -4.12
N GLY A 291 -24.21 -0.64 -4.63
CA GLY A 291 -23.44 -1.87 -4.46
C GLY A 291 -22.11 -1.80 -5.19
N LEU A 292 -22.14 -1.22 -6.39
CA LEU A 292 -20.93 -1.06 -7.18
C LEU A 292 -19.97 -0.13 -6.46
N LEU A 293 -20.49 1.03 -6.06
CA LEU A 293 -19.69 2.04 -5.39
C LEU A 293 -19.12 1.57 -4.05
N ALA A 294 -19.94 0.92 -3.24
CA ALA A 294 -19.47 0.42 -1.94
C ALA A 294 -18.36 -0.63 -2.09
N PHE A 295 -18.52 -1.53 -3.06
CA PHE A 295 -17.49 -2.52 -3.36
C PHE A 295 -16.18 -1.84 -3.73
N ARG A 296 -16.26 -0.83 -4.57
CA ARG A 296 -15.07 -0.12 -5.03
C ARG A 296 -14.32 0.56 -3.88
N SER A 297 -15.03 1.38 -3.09
CA SER A 297 -14.38 2.17 -2.05
C SER A 297 -14.06 1.40 -0.77
N GLN A 298 -14.81 0.33 -0.49
CA GLN A 298 -14.65 -0.34 0.81
C GLN A 298 -13.91 -1.66 0.72
N THR A 299 -13.85 -2.25 -0.47
CA THR A 299 -13.19 -3.55 -0.62
C THR A 299 -12.09 -3.49 -1.67
N LEU A 300 -12.44 -3.12 -2.90
CA LEU A 300 -11.50 -3.19 -4.03
C LEU A 300 -10.27 -2.28 -3.88
N ASP A 301 -10.49 -0.99 -3.71
CA ASP A 301 -9.39 -0.05 -3.64
C ASP A 301 -8.55 -0.28 -2.39
N PRO A 302 -9.19 -0.55 -1.23
CA PRO A 302 -8.33 -0.86 -0.09
C PRO A 302 -7.51 -2.12 -0.32
N ALA A 303 -8.10 -3.13 -0.94
CA ALA A 303 -7.39 -4.38 -1.14
C ALA A 303 -6.17 -4.16 -2.01
N GLN A 304 -6.30 -3.38 -3.07
CA GLN A 304 -5.14 -3.18 -3.93
C GLN A 304 -4.07 -2.34 -3.22
N ALA A 305 -4.49 -1.37 -2.41
CA ALA A 305 -3.54 -0.56 -1.67
C ALA A 305 -2.76 -1.41 -0.68
N GLN A 306 -3.45 -2.35 -0.05
CA GLN A 306 -2.81 -3.26 0.90
C GLN A 306 -1.84 -4.22 0.23
N LEU A 307 -2.26 -4.81 -0.89
CA LEU A 307 -1.40 -5.76 -1.57
C LEU A 307 -0.23 -5.01 -2.20
N GLY A 308 -0.50 -3.81 -2.72
CA GLY A 308 0.57 -2.97 -3.23
C GLY A 308 1.60 -2.63 -2.17
N ALA A 309 1.11 -2.42 -0.95
CA ALA A 309 1.98 -2.09 0.18
C ALA A 309 2.95 -3.24 0.47
N LEU A 310 2.46 -4.48 0.35
CA LEU A 310 3.35 -5.63 0.53
C LEU A 310 4.48 -5.66 -0.49
N ALA A 311 4.13 -5.42 -1.76
CA ALA A 311 5.13 -5.35 -2.84
C ALA A 311 6.21 -4.31 -2.54
N VAL A 312 5.78 -3.12 -2.10
CA VAL A 312 6.72 -2.04 -1.82
C VAL A 312 7.62 -2.43 -0.66
N SER A 313 7.03 -2.93 0.43
CA SER A 313 7.82 -3.29 1.58
C SER A 313 8.81 -4.40 1.23
N PHE A 314 8.34 -5.41 0.49
CA PHE A 314 9.22 -6.50 0.07
C PHE A 314 10.41 -5.99 -0.74
N ALA A 315 10.12 -5.24 -1.81
CA ALA A 315 11.18 -4.70 -2.65
C ALA A 315 12.15 -3.82 -1.85
N SER A 316 11.61 -2.95 -1.00
CA SER A 316 12.44 -2.03 -0.25
C SER A 316 13.37 -2.78 0.70
N GLN A 317 12.83 -3.74 1.42
CA GLN A 317 13.63 -4.54 2.35
C GLN A 317 14.72 -5.35 1.67
N VAL A 318 14.40 -5.96 0.54
CA VAL A 318 15.34 -6.81 -0.15
C VAL A 318 16.43 -5.93 -0.74
N ASN A 319 16.03 -4.83 -1.35
CA ASN A 319 16.97 -3.88 -1.93
C ASN A 319 17.93 -3.34 -0.88
N ALA A 320 17.40 -3.01 0.29
CA ALA A 320 18.22 -2.41 1.35
C ALA A 320 19.24 -3.42 1.88
N GLN A 321 18.80 -4.67 2.03
CA GLN A 321 19.68 -5.71 2.54
C GLN A 321 20.71 -6.13 1.50
N ASN A 322 20.33 -6.18 0.23
CA ASN A 322 21.31 -6.52 -0.79
C ASN A 322 22.43 -5.48 -0.89
N ALA A 323 22.07 -4.21 -0.66
CA ALA A 323 23.01 -3.10 -0.67
C ALA A 323 23.99 -3.19 0.50
N LEU A 324 23.74 -4.08 1.46
CA LEU A 324 24.68 -4.31 2.57
C LEU A 324 25.63 -5.47 2.31
N GLY A 325 25.51 -6.14 1.17
CA GLY A 325 26.43 -7.22 0.84
C GLY A 325 27.33 -6.87 -0.32
N VAL A 326 28.20 -7.81 -0.71
CA VAL A 326 28.99 -7.66 -1.93
C VAL A 326 28.72 -8.85 -2.86
N ASP A 327 28.83 -8.60 -4.16
CA ASP A 327 28.51 -9.61 -5.17
C ASP A 327 29.73 -10.50 -5.43
N MET A 328 29.67 -11.27 -6.51
CA MET A 328 30.76 -12.20 -6.82
C MET A 328 32.06 -11.47 -7.11
N SER A 329 31.96 -10.20 -7.50
CA SER A 329 33.14 -9.39 -7.80
C SER A 329 33.61 -8.53 -6.63
N GLY A 330 32.98 -8.72 -5.48
CA GLY A 330 33.34 -7.95 -4.29
C GLY A 330 32.79 -6.55 -4.29
N ASN A 331 31.93 -6.24 -5.26
CA ASN A 331 31.29 -4.94 -5.36
C ASN A 331 29.98 -4.88 -4.59
N PRO A 332 29.64 -3.72 -4.03
CA PRO A 332 28.37 -3.52 -3.32
C PRO A 332 27.16 -4.03 -4.09
N GLY A 333 26.24 -4.69 -3.41
CA GLY A 333 25.02 -5.17 -4.03
C GLY A 333 24.17 -4.00 -4.46
N GLY A 334 23.42 -4.18 -5.54
CA GLY A 334 22.48 -3.18 -5.99
C GLY A 334 21.05 -3.64 -5.77
N SER A 335 20.09 -2.95 -6.37
CA SER A 335 18.70 -3.37 -6.24
C SER A 335 18.45 -4.71 -6.92
N LEU A 336 17.59 -5.52 -6.32
CA LEU A 336 17.09 -6.75 -6.95
C LEU A 336 15.66 -6.56 -7.48
N PHE A 337 14.95 -5.57 -6.96
CA PHE A 337 13.57 -5.31 -7.38
C PHE A 337 13.32 -3.81 -7.58
N ALA A 338 12.31 -3.49 -8.41
CA ALA A 338 11.91 -2.12 -8.63
C ALA A 338 10.39 -2.00 -8.68
N VAL A 339 9.89 -0.84 -8.29
CA VAL A 339 8.46 -0.53 -8.39
C VAL A 339 8.28 0.91 -8.86
N GLY A 340 7.13 1.22 -9.44
CA GLY A 340 6.85 2.59 -9.86
C GLY A 340 6.58 3.48 -8.66
N ALA A 341 6.59 4.80 -8.88
CA ALA A 341 6.41 5.74 -7.78
C ALA A 341 4.93 5.88 -7.45
N PRO A 342 4.63 6.48 -6.30
CA PRO A 342 3.24 6.75 -5.93
C PRO A 342 2.49 7.46 -7.05
N ALA A 343 1.16 7.34 -7.05
CA ALA A 343 0.36 8.04 -8.03
C ALA A 343 -0.24 9.26 -7.36
N VAL A 344 -0.18 10.39 -8.05
CA VAL A 344 -0.77 11.63 -7.55
C VAL A 344 -1.62 12.30 -8.63
N TYR A 345 -2.87 12.59 -8.29
CA TYR A 345 -3.76 13.34 -9.18
C TYR A 345 -4.16 14.67 -8.55
N ALA A 346 -3.98 15.77 -9.29
CA ALA A 346 -4.58 17.02 -8.88
C ALA A 346 -6.09 16.93 -9.12
N ASN A 347 -6.89 17.20 -8.10
CA ASN A 347 -8.34 17.09 -8.22
C ASN A 347 -8.81 18.04 -9.31
N GLN A 348 -9.79 17.61 -10.10
CA GLN A 348 -10.23 18.40 -11.24
C GLN A 348 -10.90 19.71 -10.80
N ASN A 349 -11.31 19.78 -9.53
CA ASN A 349 -11.93 20.99 -9.00
C ASN A 349 -10.90 22.05 -8.61
N ASN A 350 -9.61 21.70 -8.62
CA ASN A 350 -8.56 22.65 -8.23
C ASN A 350 -8.58 23.95 -9.02
N THR A 351 -8.27 25.05 -8.34
CA THR A 351 -8.20 26.36 -8.97
C THR A 351 -6.75 26.86 -9.00
N GLY A 352 -5.93 26.39 -8.05
CA GLY A 352 -4.52 26.69 -8.07
C GLY A 352 -3.80 25.80 -9.06
N SER A 353 -2.49 26.01 -9.24
CA SER A 353 -1.74 25.28 -10.25
C SER A 353 -0.63 24.42 -9.66
N ALA A 354 -0.60 24.28 -8.34
CA ALA A 354 0.48 23.54 -7.69
C ALA A 354 0.49 22.07 -8.12
N THR A 355 1.66 21.47 -8.05
CA THR A 355 1.86 20.05 -8.33
C THR A 355 2.41 19.35 -7.09
N LEU A 356 2.01 18.10 -6.88
CA LEU A 356 2.43 17.37 -5.71
C LEU A 356 3.20 16.11 -6.09
N SER A 357 4.29 15.85 -5.37
CA SER A 357 5.00 14.59 -5.50
C SER A 357 5.12 14.00 -4.11
N VAL A 358 5.14 12.67 -4.03
CA VAL A 358 5.08 11.98 -2.74
C VAL A 358 6.11 10.86 -2.70
N SER A 359 6.75 10.67 -1.55
CA SER A 359 7.60 9.50 -1.34
C SER A 359 7.38 8.93 0.05
N PHE A 360 8.00 7.78 0.33
CA PHE A 360 7.89 7.18 1.65
C PHE A 360 8.97 7.70 2.56
N VAL A 361 8.59 7.97 3.81
CA VAL A 361 9.57 8.21 4.85
C VAL A 361 10.48 7.00 4.96
N ASP A 362 9.86 5.82 4.94
CA ASP A 362 10.57 4.56 5.01
C ASP A 362 9.88 3.58 4.08
N GLY A 363 10.50 3.29 2.93
CA GLY A 363 9.94 2.35 1.97
C GLY A 363 9.70 0.96 2.51
N THR A 364 10.38 0.58 3.58
CA THR A 364 10.15 -0.76 4.14
C THR A 364 8.89 -0.76 4.99
N GLN A 365 8.45 0.42 5.39
CA GLN A 365 7.17 0.55 6.10
C GLN A 365 6.26 1.53 5.39
N PRO A 366 5.70 1.10 4.24
CA PRO A 366 4.84 1.97 3.45
C PRO A 366 3.47 2.13 4.06
N THR A 367 2.72 3.11 3.57
CA THR A 367 1.32 3.25 3.90
C THR A 367 0.53 2.12 3.25
N THR A 368 -0.70 1.91 3.69
CA THR A 368 -1.52 0.81 3.19
C THR A 368 -2.90 1.24 2.68
N SER A 369 -3.16 2.54 2.68
CA SER A 369 -4.46 3.07 2.18
C SER A 369 -4.30 4.07 1.03
N ASP A 370 -5.41 4.76 0.71
CA ASP A 370 -5.42 5.82 -0.30
C ASP A 370 -5.75 7.13 0.40
N TYR A 371 -5.21 8.23 -0.10
CA TYR A 371 -5.36 9.51 0.61
C TYR A 371 -5.72 10.68 -0.28
N ALA A 372 -6.23 11.74 0.35
CA ALA A 372 -6.32 13.02 -0.33
C ALA A 372 -5.59 14.02 0.56
N LEU A 373 -4.71 14.81 -0.05
CA LEU A 373 -4.11 15.99 0.61
C LEU A 373 -4.85 17.25 0.19
N SER A 374 -5.45 17.93 1.16
CA SER A 374 -6.26 19.10 0.86
C SER A 374 -5.69 20.31 1.57
N TYR A 375 -5.95 21.49 1.00
CA TYR A 375 -5.41 22.71 1.56
C TYR A 375 -6.55 23.68 1.76
N ASP A 376 -6.69 24.27 2.94
CA ASP A 376 -7.83 25.15 3.21
C ASP A 376 -7.41 26.62 3.32
N GLY A 377 -6.19 26.94 2.90
CA GLY A 377 -5.71 28.31 2.85
C GLY A 377 -4.82 28.62 4.04
N ALA A 378 -4.77 27.71 4.99
CA ALA A 378 -3.92 27.85 6.16
C ALA A 378 -3.15 26.56 6.46
N LYS A 379 -3.78 25.40 6.29
CA LYS A 379 -3.10 24.14 6.57
C LYS A 379 -3.43 23.08 5.54
N TYR A 380 -2.59 22.05 5.54
CA TYR A 380 -2.78 20.87 4.72
C TYR A 380 -3.37 19.77 5.57
N THR A 381 -4.33 19.03 5.04
CA THR A 381 -4.85 17.90 5.76
C THR A 381 -4.73 16.66 4.87
N LEU A 382 -4.29 15.56 5.46
CA LEU A 382 -4.27 14.26 4.77
C LEU A 382 -5.45 13.46 5.29
N THR A 383 -6.34 13.08 4.38
CA THR A 383 -7.51 12.29 4.74
C THR A 383 -7.46 10.91 4.06
N ASP A 384 -7.81 9.89 4.84
CA ASP A 384 -7.94 8.52 4.33
C ASP A 384 -9.20 8.44 3.48
N ARG A 385 -9.07 8.07 2.20
CA ARG A 385 -10.19 8.10 1.27
C ARG A 385 -11.21 6.98 1.49
N ALA A 386 -10.81 5.91 2.16
CA ALA A 386 -11.68 4.78 2.41
C ALA A 386 -12.61 5.04 3.58
N THR A 387 -12.06 5.66 4.63
CA THR A 387 -12.78 5.87 5.87
C THR A 387 -13.26 7.32 6.04
N GLY A 388 -12.61 8.24 5.36
CA GLY A 388 -12.90 9.64 5.52
C GLY A 388 -12.24 10.25 6.74
N SER A 389 -11.47 9.45 7.48
CA SER A 389 -10.83 9.96 8.69
C SER A 389 -9.55 10.74 8.40
N VAL A 390 -9.38 11.84 9.10
CA VAL A 390 -8.14 12.61 9.01
C VAL A 390 -6.97 11.80 9.57
N VAL A 391 -5.88 11.67 8.82
CA VAL A 391 -4.70 10.97 9.32
C VAL A 391 -3.71 11.93 9.95
N GLY A 392 -3.70 13.18 9.48
CA GLY A 392 -2.79 14.17 10.04
C GLY A 392 -2.87 15.50 9.32
N THR A 393 -2.31 16.54 9.92
CA THR A 393 -2.27 17.87 9.30
C THR A 393 -0.85 18.41 9.30
N ALA A 394 -0.61 19.45 8.50
CA ALA A 394 0.68 20.12 8.49
C ALA A 394 0.56 21.60 8.13
N THR A 395 1.44 22.41 8.70
CA THR A 395 1.51 23.84 8.39
C THR A 395 2.94 24.25 8.11
N PRO A 396 3.56 23.70 7.05
CA PRO A 396 4.96 24.01 6.73
C PRO A 396 5.18 25.49 6.51
N SER A 397 6.39 25.96 6.78
CA SER A 397 6.74 27.34 6.46
C SER A 397 7.67 27.36 5.26
N SER A 398 8.10 26.18 4.83
CA SER A 398 9.09 26.10 3.76
C SER A 398 8.55 26.59 2.42
N THR A 399 9.46 27.07 1.58
CA THR A 399 9.14 27.42 0.20
C THR A 399 10.20 26.80 -0.71
N PRO A 400 9.79 25.89 -1.61
CA PRO A 400 8.39 25.49 -1.75
C PRO A 400 7.98 24.58 -0.60
N PRO A 401 6.68 24.27 -0.50
CA PRO A 401 6.15 23.58 0.67
C PRO A 401 6.51 22.10 0.69
N THR A 402 7.13 21.66 1.77
CA THR A 402 7.39 20.24 1.99
C THR A 402 6.89 19.89 3.38
N MET A 403 6.35 18.69 3.54
CA MET A 403 5.82 18.25 4.82
C MET A 403 5.83 16.72 4.93
N THR A 404 5.71 16.23 6.16
CA THR A 404 5.64 14.81 6.41
C THR A 404 4.39 14.49 7.24
N ILE A 405 3.55 13.61 6.71
CA ILE A 405 2.33 13.20 7.41
C ILE A 405 2.11 11.71 7.23
N GLY A 406 1.90 11.00 8.34
CA GLY A 406 1.46 9.61 8.29
C GLY A 406 2.29 8.64 7.46
N GLY A 407 3.60 8.86 7.42
CA GLY A 407 4.50 7.95 6.73
C GLY A 407 4.90 8.42 5.35
N LEU A 408 4.35 9.55 4.95
CA LEU A 408 4.59 10.12 3.62
C LEU A 408 5.33 11.43 3.64
N LYS A 409 6.26 11.60 2.70
CA LYS A 409 6.89 12.88 2.46
C LYS A 409 6.17 13.54 1.30
N LEU A 410 5.60 14.72 1.56
CA LEU A 410 4.77 15.39 0.57
C LEU A 410 5.41 16.71 0.15
N SER A 411 5.68 16.84 -1.15
CA SER A 411 6.35 18.02 -1.66
C SER A 411 5.54 18.71 -2.76
N LEU A 412 5.26 19.99 -2.56
CA LEU A 412 4.49 20.78 -3.51
C LEU A 412 5.36 21.81 -4.21
N SER A 413 5.05 22.11 -5.47
CA SER A 413 5.83 23.07 -6.24
C SER A 413 5.52 24.51 -5.81
N SER A 414 4.38 24.68 -5.16
CA SER A 414 3.99 25.95 -4.57
C SER A 414 2.81 25.70 -3.64
N THR A 415 2.38 26.73 -2.94
CA THR A 415 1.19 26.65 -2.09
C THR A 415 -0.07 26.64 -2.97
N PRO A 416 -0.96 25.66 -2.76
CA PRO A 416 -2.17 25.55 -3.58
C PRO A 416 -3.18 26.63 -3.21
N ASN A 417 -4.30 26.71 -3.91
CA ASN A 417 -5.37 27.58 -3.44
C ASN A 417 -6.21 26.87 -2.39
N ALA A 418 -6.85 27.63 -1.51
CA ALA A 418 -7.85 27.05 -0.61
C ALA A 418 -8.88 26.29 -1.43
N GLY A 419 -9.21 25.09 -0.99
CA GLY A 419 -10.15 24.25 -1.72
C GLY A 419 -9.46 23.24 -2.63
N ASP A 420 -8.15 23.40 -2.83
CA ASP A 420 -7.43 22.49 -3.70
C ASP A 420 -7.20 21.13 -3.01
N SER A 421 -7.20 20.07 -3.80
CA SER A 421 -7.01 18.73 -3.26
C SER A 421 -6.17 17.90 -4.22
N PHE A 422 -5.41 16.95 -3.66
CA PHE A 422 -4.62 15.99 -4.45
C PHE A 422 -4.88 14.57 -4.00
N THR A 423 -5.20 13.68 -4.95
CA THR A 423 -5.33 12.29 -4.60
C THR A 423 -3.96 11.66 -4.53
N VAL A 424 -3.71 10.95 -3.44
CA VAL A 424 -2.41 10.35 -3.24
C VAL A 424 -2.59 8.86 -3.07
N LEU A 425 -2.03 8.11 -4.03
CA LEU A 425 -2.14 6.65 -4.06
C LEU A 425 -0.74 6.07 -3.98
N PRO A 426 -0.20 5.94 -2.76
CA PRO A 426 1.20 5.58 -2.62
C PRO A 426 1.53 4.15 -3.06
N THR A 427 0.56 3.22 -2.98
CA THR A 427 0.87 1.81 -3.23
C THR A 427 0.00 1.08 -4.24
N ARG A 428 -1.09 1.69 -4.69
CA ARG A 428 -1.98 1.00 -5.62
C ARG A 428 -1.22 0.53 -6.85
N GLY A 429 -0.40 1.42 -7.41
CA GLY A 429 0.34 1.14 -8.63
C GLY A 429 1.61 0.32 -8.52
N ALA A 430 1.97 -0.07 -7.30
CA ALA A 430 3.21 -0.80 -7.09
C ALA A 430 3.21 -2.14 -7.82
N LEU A 431 2.02 -2.73 -7.97
CA LEU A 431 1.90 -4.04 -8.59
C LEU A 431 2.19 -4.01 -10.08
N ASP A 432 1.68 -2.99 -10.76
CA ASP A 432 1.76 -2.95 -12.22
C ASP A 432 3.19 -2.75 -12.70
N GLY A 433 4.00 -2.10 -11.87
CA GLY A 433 5.39 -1.85 -12.20
C GLY A 433 6.38 -2.78 -11.51
N PHE A 434 5.89 -3.70 -10.67
CA PHE A 434 6.78 -4.60 -9.93
C PHE A 434 7.64 -5.43 -10.87
N SER A 435 8.95 -5.39 -10.70
CA SER A 435 9.82 -6.22 -11.52
C SER A 435 11.15 -6.50 -10.89
N LEU A 436 11.85 -7.48 -11.47
CA LEU A 436 13.23 -7.74 -11.09
C LEU A 436 14.06 -6.62 -11.67
N ALA A 437 14.87 -5.97 -10.85
CA ALA A 437 15.80 -4.97 -11.36
C ALA A 437 16.85 -5.64 -12.25
N THR A 438 17.18 -6.88 -11.91
CA THR A 438 18.07 -7.71 -12.71
C THR A 438 17.69 -9.18 -12.49
N ALA A 439 17.92 -10.01 -13.50
CA ALA A 439 17.65 -11.44 -13.38
C ALA A 439 18.94 -12.23 -13.37
N ASN A 440 20.06 -11.51 -13.30
CA ASN A 440 21.38 -12.12 -13.25
C ASN A 440 21.68 -12.57 -11.83
N GLY A 441 21.87 -13.87 -11.66
CA GLY A 441 22.04 -14.47 -10.35
C GLY A 441 23.27 -13.98 -9.61
N SER A 442 24.25 -13.47 -10.36
CA SER A 442 25.47 -12.92 -9.78
C SER A 442 25.22 -11.62 -9.02
N ALA A 443 24.10 -10.97 -9.30
CA ALA A 443 23.78 -9.70 -8.63
C ALA A 443 23.35 -9.88 -7.18
N ILE A 444 23.01 -11.11 -6.79
CA ILE A 444 22.71 -11.36 -5.39
C ILE A 444 24.00 -11.20 -4.57
N ALA A 445 23.98 -10.27 -3.62
CA ALA A 445 25.16 -9.97 -2.83
C ALA A 445 25.17 -10.84 -1.57
N ALA A 446 25.68 -12.07 -1.71
CA ALA A 446 25.59 -13.05 -0.63
C ALA A 446 26.62 -12.82 0.47
N ALA A 447 27.70 -12.14 0.15
CA ALA A 447 28.81 -11.99 1.09
C ALA A 447 28.70 -10.72 1.92
N SER A 448 29.20 -10.76 3.15
CA SER A 448 29.42 -9.53 3.94
C SER A 448 30.59 -8.74 3.36
N PRO A 449 30.51 -7.41 3.38
CA PRO A 449 31.62 -6.58 2.91
C PRO A 449 32.81 -6.59 3.87
N VAL A 450 32.55 -6.94 5.12
CA VAL A 450 33.57 -6.85 6.16
C VAL A 450 34.03 -8.22 6.67
N LEU A 451 35.26 -8.28 7.14
CA LEU A 451 35.76 -9.46 7.80
C LEU A 451 36.61 -9.07 9.02
N ALA A 452 36.21 -9.52 10.19
CA ALA A 452 37.00 -9.36 11.41
C ALA A 452 37.57 -10.72 11.76
N ALA A 453 38.81 -10.74 12.25
CA ALA A 453 39.48 -12.01 12.43
C ALA A 453 40.51 -11.92 13.57
N GLY A 454 40.67 -13.02 14.29
CA GLY A 454 41.77 -13.11 15.24
C GLY A 454 43.04 -13.37 14.47
N VAL A 455 44.12 -12.70 14.86
CA VAL A 455 45.43 -12.87 14.25
C VAL A 455 46.03 -14.19 14.72
N ALA A 456 46.62 -14.95 13.80
CA ALA A 456 46.93 -16.36 14.06
C ALA A 456 48.02 -16.56 15.12
N THR A 457 48.79 -15.52 15.39
CA THR A 457 49.82 -15.56 16.42
C THR A 457 49.29 -15.31 17.82
N ASN A 458 48.01 -14.98 17.96
CA ASN A 458 47.40 -14.81 19.29
C ASN A 458 47.59 -16.05 20.15
N SER A 459 47.79 -15.85 21.45
CA SER A 459 47.98 -16.97 22.36
C SER A 459 46.83 -17.07 23.35
N GLY A 460 46.03 -16.02 23.44
CA GLY A 460 44.95 -16.00 24.42
C GLY A 460 43.68 -16.72 23.96
N THR A 461 42.57 -16.47 24.64
CA THR A 461 41.30 -17.10 24.32
C THR A 461 40.31 -16.11 23.72
N GLY A 462 40.82 -14.99 23.22
CA GLY A 462 39.96 -13.99 22.62
C GLY A 462 39.33 -14.53 21.35
N VAL A 463 38.04 -14.29 21.17
CA VAL A 463 37.33 -14.74 19.97
C VAL A 463 36.47 -13.61 19.44
N ILE A 464 36.70 -13.21 18.20
CA ILE A 464 35.96 -12.09 17.64
C ILE A 464 34.96 -12.63 16.60
N SER A 465 33.80 -11.99 16.50
CA SER A 465 32.82 -12.40 15.49
C SER A 465 33.34 -12.01 14.10
N GLN A 466 32.66 -12.43 13.04
CA GLN A 466 33.18 -12.17 11.71
C GLN A 466 32.84 -10.76 11.25
N GLY A 467 31.91 -10.14 11.98
CA GLY A 467 31.58 -8.75 11.77
C GLY A 467 30.34 -8.59 10.92
N SER A 468 29.76 -7.40 10.94
CA SER A 468 28.58 -7.10 10.13
C SER A 468 28.49 -5.60 9.89
N VAL A 469 27.70 -5.20 8.89
CA VAL A 469 27.54 -3.79 8.58
C VAL A 469 26.07 -3.39 8.56
N SER A 470 25.83 -2.10 8.74
CA SER A 470 24.49 -1.53 8.70
C SER A 470 24.44 -0.43 7.65
N ALA A 471 23.25 0.14 7.46
CA ALA A 471 23.03 1.15 6.43
C ALA A 471 24.07 2.26 6.48
N GLY A 472 24.69 2.53 5.33
CA GLY A 472 25.65 3.59 5.19
C GLY A 472 27.03 3.27 5.74
N TYR A 473 27.35 1.99 5.84
CA TYR A 473 28.67 1.57 6.31
C TYR A 473 29.74 2.06 5.34
N GLN A 474 30.94 2.26 5.87
CA GLN A 474 32.12 2.54 5.08
C GLN A 474 33.28 1.73 5.61
N LEU A 475 34.09 1.20 4.71
CA LEU A 475 35.33 0.54 5.11
C LEU A 475 36.54 1.28 4.56
N PRO A 476 37.44 1.72 5.43
CA PRO A 476 38.64 2.40 4.94
C PRO A 476 39.47 1.43 4.09
N SER A 477 40.39 1.95 3.28
CA SER A 477 41.13 1.12 2.34
C SER A 477 42.07 0.15 3.04
N GLY A 478 42.54 0.50 4.23
CA GLY A 478 43.50 -0.33 4.93
C GLY A 478 42.89 -1.22 6.01
N THR A 479 43.68 -2.20 6.45
CA THR A 479 43.30 -3.07 7.56
C THR A 479 43.40 -2.35 8.90
N THR A 480 42.37 -2.50 9.73
CA THR A 480 42.40 -2.04 11.10
C THR A 480 42.82 -3.17 12.04
N THR A 481 43.78 -2.88 12.91
CA THR A 481 44.28 -3.92 13.82
C THR A 481 44.07 -3.48 15.27
N LEU A 482 43.19 -4.17 15.96
CA LEU A 482 42.97 -3.90 17.38
C LEU A 482 44.00 -4.70 18.14
N ALA A 483 44.52 -4.12 19.21
CA ALA A 483 45.47 -4.81 20.08
C ALA A 483 45.00 -4.70 21.53
N TYR A 484 45.14 -5.78 22.30
CA TYR A 484 44.70 -5.80 23.68
C TYR A 484 45.89 -5.57 24.62
N ASN A 485 45.71 -4.65 25.56
CA ASN A 485 46.71 -4.44 26.60
C ASN A 485 46.23 -5.05 27.92
N ALA A 486 46.89 -6.12 28.39
CA ALA A 486 46.38 -6.84 29.56
C ALA A 486 46.53 -6.03 30.85
N ALA A 487 47.53 -5.18 30.90
CA ALA A 487 47.82 -4.38 32.11
C ALA A 487 46.66 -3.41 32.39
N SER A 488 46.21 -2.73 31.34
CA SER A 488 45.10 -1.78 31.44
C SER A 488 43.75 -2.39 31.07
N LYS A 489 43.77 -3.59 30.50
CA LYS A 489 42.57 -4.28 30.01
C LYS A 489 41.80 -3.39 29.03
N THR A 490 42.48 -2.97 27.97
CA THR A 490 41.88 -2.10 26.96
C THR A 490 42.29 -2.54 25.57
N LEU A 491 41.45 -2.21 24.59
CA LEU A 491 41.82 -2.34 23.21
C LEU A 491 42.24 -0.98 22.65
N SER A 492 43.16 -1.00 21.69
CA SER A 492 43.46 0.19 20.92
C SER A 492 43.69 -0.18 19.46
N GLY A 493 43.92 0.82 18.63
CA GLY A 493 44.15 0.60 17.21
C GLY A 493 42.93 0.90 16.37
N PHE A 494 41.92 1.52 16.97
CA PHE A 494 40.72 1.89 16.22
C PHE A 494 41.06 3.04 15.28
N PRO A 495 40.27 3.20 14.20
CA PRO A 495 40.50 4.31 13.26
C PRO A 495 40.21 5.67 13.88
N VAL A 496 41.06 6.66 13.61
CA VAL A 496 40.85 8.00 14.16
C VAL A 496 39.56 8.54 13.57
N GLY A 497 38.86 9.35 14.34
CA GLY A 497 37.63 9.97 13.87
C GLY A 497 36.44 9.05 13.92
N THR A 498 36.57 7.92 14.61
CA THR A 498 35.42 7.07 14.82
C THR A 498 34.99 7.14 16.26
N THR A 499 33.76 6.72 16.50
CA THR A 499 33.23 6.59 17.83
C THR A 499 32.89 5.12 18.06
N VAL A 500 33.41 4.55 19.13
CA VAL A 500 33.13 3.16 19.46
C VAL A 500 32.04 3.08 20.52
N THR A 501 30.97 2.37 20.22
CA THR A 501 29.89 2.21 21.17
C THR A 501 29.82 0.78 21.65
N ILE A 502 29.95 0.59 22.95
CA ILE A 502 29.85 -0.74 23.54
C ILE A 502 28.44 -0.95 24.06
N ALA A 503 27.80 -2.01 23.60
CA ALA A 503 26.44 -2.32 24.01
C ALA A 503 26.40 -2.61 25.51
N GLY A 504 25.28 -2.27 26.12
CA GLY A 504 25.09 -2.48 27.54
C GLY A 504 23.84 -1.78 28.00
N THR A 505 23.60 -1.83 29.31
CA THR A 505 22.44 -1.17 29.88
C THR A 505 22.91 -0.25 30.99
N PRO A 506 23.26 1.00 30.64
CA PRO A 506 23.17 1.53 29.26
C PRO A 506 24.46 1.34 28.46
N PRO A 507 24.39 1.58 27.13
CA PRO A 507 25.59 1.51 26.30
C PRO A 507 26.51 2.68 26.57
N THR A 508 27.80 2.51 26.32
CA THR A 508 28.74 3.61 26.48
C THR A 508 29.52 3.87 25.18
N SER A 509 29.86 5.13 24.95
CA SER A 509 30.51 5.51 23.71
C SER A 509 31.84 6.21 23.98
N ILE A 510 32.80 5.95 23.09
CA ILE A 510 34.12 6.51 23.23
C ILE A 510 34.57 7.09 21.90
N ASN A 511 34.99 8.35 21.93
CA ASN A 511 35.54 9.00 20.74
C ASN A 511 37.01 8.64 20.56
N ILE A 512 37.34 8.03 19.44
CA ILE A 512 38.70 7.63 19.12
C ILE A 512 39.45 8.80 18.48
N THR A 513 40.52 9.29 19.11
CA THR A 513 41.20 10.42 18.52
C THR A 513 42.62 10.09 18.07
N SER A 514 43.08 8.88 18.39
CA SER A 514 44.33 8.40 17.79
C SER A 514 44.41 6.88 17.85
N ALA A 515 45.47 6.32 17.26
CA ALA A 515 45.60 4.89 17.18
C ALA A 515 45.77 4.28 18.57
N THR A 516 46.06 5.12 19.57
CA THR A 516 46.28 4.61 20.91
C THR A 516 45.12 4.87 21.88
N THR A 517 44.07 5.55 21.42
CA THR A 517 42.89 5.75 22.26
C THR A 517 42.36 4.41 22.74
N PRO A 518 42.25 4.24 24.06
CA PRO A 518 41.84 2.92 24.57
C PRO A 518 40.34 2.75 24.76
N VAL A 519 39.86 1.54 24.45
CA VAL A 519 38.51 1.15 24.77
C VAL A 519 38.55 0.05 25.83
N PRO A 520 37.77 0.19 26.90
CA PRO A 520 37.81 -0.82 27.96
C PRO A 520 37.27 -2.16 27.48
N TYR A 521 37.93 -3.24 27.89
CA TYR A 521 37.43 -4.58 27.59
C TYR A 521 37.50 -5.44 28.83
N ASP A 522 36.35 -5.99 29.21
CA ASP A 522 36.21 -6.85 30.36
C ASP A 522 35.99 -8.30 29.92
N PRO A 523 37.03 -9.15 30.06
CA PRO A 523 36.95 -10.55 29.63
C PRO A 523 35.83 -11.32 30.30
N SER A 524 35.36 -10.85 31.46
CA SER A 524 34.31 -11.54 32.17
C SER A 524 32.98 -11.28 31.50
N LYS A 525 32.93 -10.22 30.70
CA LYS A 525 31.68 -9.78 30.08
C LYS A 525 31.71 -9.85 28.56
N GLY A 526 32.90 -9.76 27.98
CA GLY A 526 33.02 -9.61 26.55
C GLY A 526 32.50 -8.23 26.13
N ALA A 527 32.49 -7.95 24.83
CA ALA A 527 32.02 -6.65 24.36
C ALA A 527 31.42 -6.73 22.96
N SER A 528 30.23 -6.17 22.81
CA SER A 528 29.64 -5.99 21.48
C SER A 528 29.83 -4.55 21.05
N MET A 529 30.64 -4.35 20.02
CA MET A 529 31.05 -3.00 19.65
C MET A 529 30.56 -2.55 18.29
N THR A 530 30.21 -1.27 18.19
CA THR A 530 29.90 -0.68 16.90
C THR A 530 30.86 0.47 16.65
N ILE A 531 31.45 0.49 15.46
CA ILE A 531 32.37 1.55 15.09
C ILE A 531 31.70 2.49 14.08
N SER A 532 31.45 3.72 14.52
CA SER A 532 30.77 4.71 13.68
C SER A 532 31.67 5.93 13.45
N SER A 533 31.47 6.60 12.33
CA SER A 533 32.13 7.87 12.10
C SER A 533 31.61 8.88 13.12
N THR A 534 32.53 9.52 13.84
CA THR A 534 32.14 10.51 14.82
C THR A 534 31.37 11.66 14.14
N THR A 535 31.88 12.16 13.03
CA THR A 535 31.12 13.11 12.23
C THR A 535 30.09 12.36 11.37
N GLN A 536 28.86 12.85 11.37
CA GLN A 536 27.77 12.24 10.59
C GLN A 536 27.12 13.30 9.72
N PRO A 537 26.92 13.00 8.42
CA PRO A 537 27.29 11.74 7.76
C PRO A 537 28.80 11.55 7.67
N ALA A 538 29.20 10.31 7.48
CA ALA A 538 30.62 9.95 7.46
C ALA A 538 31.37 10.58 6.29
N PRO A 539 32.46 11.29 6.59
CA PRO A 539 33.36 11.76 5.52
C PRO A 539 34.03 10.58 4.86
N SER A 540 34.43 10.75 3.61
CA SER A 540 35.07 9.66 2.86
C SER A 540 36.28 9.10 3.61
N GLY A 541 36.41 7.77 3.62
CA GLY A 541 37.57 7.13 4.21
C GLY A 541 37.47 6.84 5.70
N VAL A 542 36.40 7.29 6.34
CA VAL A 542 36.19 6.99 7.75
C VAL A 542 35.32 5.75 7.93
N MET A 543 35.80 4.80 8.73
CA MET A 543 35.02 3.60 9.03
C MET A 543 33.69 3.97 9.66
N ASN A 544 32.63 3.35 9.17
CA ASN A 544 31.29 3.63 9.64
C ASN A 544 30.39 2.41 9.51
N GLY A 545 29.48 2.23 10.46
CA GLY A 545 28.51 1.15 10.39
C GLY A 545 29.05 -0.27 10.51
N VAL A 546 30.17 -0.41 11.21
CA VAL A 546 30.80 -1.71 11.42
C VAL A 546 30.58 -2.20 12.85
N SER A 547 30.10 -3.43 12.98
CA SER A 547 29.89 -4.04 14.29
C SER A 547 30.70 -5.30 14.45
N VAL A 548 31.33 -5.45 15.62
CA VAL A 548 32.00 -6.70 15.97
C VAL A 548 31.80 -7.04 17.44
N SER A 549 31.86 -8.33 17.77
CA SER A 549 31.77 -8.78 19.16
C SER A 549 33.03 -9.54 19.54
N LEU A 550 33.55 -9.23 20.73
CA LEU A 550 34.71 -9.94 21.27
C LEU A 550 34.33 -10.61 22.59
N SER A 551 34.74 -11.86 22.76
CA SER A 551 34.55 -12.54 24.03
C SER A 551 35.86 -13.25 24.36
N GLY A 552 35.93 -13.83 25.55
CA GLY A 552 37.15 -14.51 25.96
C GLY A 552 38.23 -13.58 26.49
N THR A 553 39.40 -14.16 26.73
CA THR A 553 40.51 -13.42 27.34
C THR A 553 41.72 -13.36 26.41
N PRO A 554 41.87 -12.25 25.68
CA PRO A 554 43.08 -12.13 24.86
C PRO A 554 44.32 -12.05 25.76
N ALA A 555 45.46 -12.54 25.28
CA ALA A 555 46.73 -12.33 25.97
C ALA A 555 47.21 -10.91 25.68
N ASP A 556 48.22 -10.45 26.42
CA ASP A 556 48.79 -9.15 26.16
C ASP A 556 49.38 -9.13 24.76
N GLY A 557 49.03 -8.10 23.98
CA GLY A 557 49.51 -7.97 22.63
C GLY A 557 48.69 -8.69 21.56
N ASP A 558 47.70 -9.48 21.96
CA ASP A 558 46.88 -10.22 20.99
C ASP A 558 46.15 -9.21 20.12
N GLN A 559 45.82 -9.61 18.90
CA GLN A 559 45.34 -8.67 17.89
C GLN A 559 44.16 -9.23 17.14
N PHE A 560 43.28 -8.33 16.73
CA PHE A 560 42.08 -8.68 15.99
C PHE A 560 41.94 -7.68 14.85
N THR A 561 41.75 -8.18 13.64
CA THR A 561 41.74 -7.33 12.45
C THR A 561 40.32 -7.10 11.96
N ILE A 562 40.15 -5.97 11.27
CA ILE A 562 38.90 -5.60 10.63
C ILE A 562 39.23 -5.02 9.27
N GLY A 563 38.61 -5.54 8.22
CA GLY A 563 38.89 -5.05 6.89
C GLY A 563 37.88 -5.59 5.90
N ALA A 564 38.11 -5.31 4.62
CA ALA A 564 37.22 -5.77 3.57
C ALA A 564 37.25 -7.29 3.46
N ASN A 565 36.11 -7.88 3.11
CA ASN A 565 36.00 -9.33 3.02
C ASN A 565 36.50 -9.86 1.68
N LYS A 566 37.21 -10.99 1.72
CA LYS A 566 37.73 -11.61 0.52
C LYS A 566 37.90 -13.13 0.69
N GLY A 567 36.79 -13.87 0.70
CA GLY A 567 35.45 -13.30 0.61
C GLY A 567 34.64 -13.84 -0.55
N THR A 568 35.20 -14.80 -1.26
CA THR A 568 34.66 -15.24 -2.53
C THR A 568 33.41 -16.14 -2.43
N ASN A 569 33.26 -16.86 -1.33
CA ASN A 569 32.04 -17.65 -1.13
C ASN A 569 31.44 -17.48 0.26
N ASP A 570 31.56 -16.29 0.81
CA ASP A 570 30.87 -15.96 2.04
C ASP A 570 29.38 -15.78 1.78
N GLY A 571 28.54 -16.24 2.71
CA GLY A 571 27.10 -16.11 2.52
C GLY A 571 26.36 -15.43 3.65
N ARG A 572 27.07 -14.65 4.46
CA ARG A 572 26.44 -13.99 5.60
C ARG A 572 25.30 -13.05 5.17
N ASN A 573 25.48 -12.37 4.04
CA ASN A 573 24.40 -11.45 3.65
C ASN A 573 23.22 -12.16 3.04
N ALA A 574 23.47 -13.27 2.35
CA ALA A 574 22.38 -14.07 1.83
C ALA A 574 21.57 -14.61 3.00
N LEU A 575 22.26 -15.01 4.07
CA LEU A 575 21.58 -15.46 5.29
C LEU A 575 20.70 -14.33 5.83
N ALA A 576 21.23 -13.12 5.87
CA ALA A 576 20.47 -11.96 6.34
C ALA A 576 19.27 -11.69 5.42
N LEU A 577 19.50 -11.76 4.12
CA LEU A 577 18.40 -11.61 3.16
C LEU A 577 17.28 -12.60 3.45
N SER A 578 17.64 -13.87 3.64
CA SER A 578 16.68 -14.94 3.86
C SER A 578 15.85 -14.73 5.14
N GLN A 579 16.46 -14.12 6.15
CA GLN A 579 15.76 -13.90 7.41
C GLN A 579 14.80 -12.69 7.38
N LEU A 580 14.82 -11.93 6.29
CA LEU A 580 13.84 -10.84 6.12
C LEU A 580 12.40 -11.33 6.17
N VAL A 581 12.21 -12.63 5.91
CA VAL A 581 10.89 -13.24 6.01
C VAL A 581 10.27 -13.08 7.41
N ASN A 582 11.11 -12.88 8.42
CA ASN A 582 10.62 -12.77 9.79
C ASN A 582 10.54 -11.34 10.30
N SER A 583 10.93 -10.38 9.46
CA SER A 583 10.90 -8.98 9.83
C SER A 583 9.48 -8.44 9.97
N LYS A 584 9.24 -7.66 11.02
CA LYS A 584 7.90 -7.09 11.20
C LYS A 584 7.81 -5.65 10.69
N THR A 585 7.48 -5.50 9.41
CA THR A 585 7.53 -4.21 8.75
C THR A 585 6.16 -3.61 8.50
N MET A 586 5.12 -4.40 8.72
CA MET A 586 3.76 -3.99 8.41
C MET A 586 2.95 -3.74 9.67
N ASN A 587 1.89 -2.94 9.52
CA ASN A 587 1.00 -2.59 10.63
C ASN A 587 1.77 -2.06 11.82
N ASN A 588 2.56 -1.01 11.57
CA ASN A 588 3.35 -0.35 12.61
C ASN A 588 4.34 -1.29 13.31
N GLY A 589 5.09 -2.05 12.52
CA GLY A 589 6.15 -2.88 13.06
C GLY A 589 5.66 -4.08 13.84
N THR A 590 4.45 -4.55 13.52
CA THR A 590 3.84 -5.63 14.29
C THR A 590 3.63 -6.93 13.49
N THR A 591 3.61 -6.84 12.16
CA THR A 591 3.36 -8.05 11.38
C THR A 591 4.34 -8.20 10.22
N THR A 592 4.57 -9.46 9.84
CA THR A 592 5.46 -9.81 8.74
C THR A 592 4.75 -9.65 7.39
N LEU A 593 5.49 -9.85 6.31
CA LEU A 593 4.92 -9.74 4.98
C LEU A 593 3.81 -10.77 4.78
N THR A 594 4.05 -12.02 5.16
CA THR A 594 3.08 -13.08 4.95
C THR A 594 1.93 -12.93 5.94
N GLY A 595 2.25 -12.43 7.13
CA GLY A 595 1.22 -12.13 8.11
C GLY A 595 0.31 -11.02 7.61
N ALA A 596 0.92 -10.02 6.97
CA ALA A 596 0.15 -8.91 6.39
C ALA A 596 -0.66 -9.40 5.20
N TYR A 597 -0.09 -10.29 4.40
CA TYR A 597 -0.84 -10.92 3.30
C TYR A 597 -2.09 -11.64 3.80
N ALA A 598 -1.96 -12.35 4.91
CA ALA A 598 -3.10 -13.09 5.45
C ALA A 598 -4.21 -12.13 5.90
N GLY A 599 -3.83 -11.00 6.46
CA GLY A 599 -4.82 -9.99 6.86
C GLY A 599 -5.54 -9.41 5.65
N TYR A 600 -4.78 -9.16 4.59
CA TYR A 600 -5.34 -8.60 3.36
C TYR A 600 -6.37 -9.56 2.76
N VAL A 601 -6.04 -10.85 2.75
CA VAL A 601 -6.97 -11.84 2.21
C VAL A 601 -8.19 -11.99 3.09
N ASN A 602 -7.98 -12.03 4.40
CA ASN A 602 -9.06 -12.25 5.34
C ASN A 602 -10.06 -11.09 5.36
N ALA A 603 -9.60 -9.88 5.08
CA ALA A 603 -10.51 -8.73 4.98
C ALA A 603 -11.51 -8.99 3.85
N ILE A 604 -10.99 -9.47 2.73
CA ILE A 604 -11.85 -9.79 1.59
C ILE A 604 -12.78 -10.98 1.93
N GLY A 605 -12.20 -12.02 2.53
CA GLY A 605 -12.97 -13.20 2.89
C GLY A 605 -14.10 -12.94 3.87
N ASN A 606 -13.82 -12.10 4.86
CA ASN A 606 -14.79 -11.79 5.88
C ASN A 606 -15.92 -10.95 5.31
N ALA A 607 -15.56 -10.05 4.40
CA ALA A 607 -16.57 -9.23 3.71
C ALA A 607 -17.53 -10.13 2.94
N ALA A 608 -16.96 -11.09 2.20
CA ALA A 608 -17.75 -11.99 1.36
C ALA A 608 -18.69 -12.85 2.19
N SER A 609 -18.20 -13.40 3.31
CA SER A 609 -19.06 -14.26 4.11
C SER A 609 -20.19 -13.45 4.77
N GLN A 610 -19.90 -12.24 5.22
CA GLN A 610 -20.95 -11.43 5.81
C GLN A 610 -21.95 -11.02 4.74
N LEU A 611 -21.44 -10.58 3.59
CA LEU A 611 -22.32 -10.11 2.52
C LEU A 611 -23.18 -11.28 2.01
N LYS A 612 -22.64 -12.49 2.08
CA LYS A 612 -23.44 -13.63 1.62
C LYS A 612 -24.71 -13.78 2.47
N ALA A 613 -24.54 -13.68 3.78
CA ALA A 613 -25.66 -13.84 4.70
C ALA A 613 -26.59 -12.63 4.62
N SER A 614 -26.01 -11.42 4.63
CA SER A 614 -26.80 -10.20 4.58
C SER A 614 -27.63 -10.15 3.31
N SER A 615 -27.00 -10.51 2.19
CA SER A 615 -27.68 -10.52 0.91
C SER A 615 -28.79 -11.58 0.86
N ALA A 616 -28.47 -12.80 1.29
CA ALA A 616 -29.46 -13.86 1.35
C ALA A 616 -30.69 -13.40 2.15
N ALA A 617 -30.44 -12.80 3.30
CA ALA A 617 -31.51 -12.37 4.20
C ALA A 617 -32.35 -11.28 3.55
N GLN A 618 -31.68 -10.32 2.91
CA GLN A 618 -32.38 -9.18 2.37
C GLN A 618 -33.14 -9.57 1.12
N THR A 619 -32.55 -10.40 0.28
CA THR A 619 -33.23 -10.82 -0.93
C THR A 619 -34.49 -11.60 -0.57
N ALA A 620 -34.36 -12.45 0.44
CA ALA A 620 -35.49 -13.19 0.96
C ALA A 620 -36.59 -12.23 1.40
N LEU A 621 -36.21 -11.24 2.20
CA LEU A 621 -37.17 -10.25 2.69
C LEU A 621 -37.85 -9.47 1.56
N VAL A 622 -37.05 -9.02 0.60
CA VAL A 622 -37.58 -8.31 -0.56
C VAL A 622 -38.61 -9.17 -1.29
N GLY A 623 -38.31 -10.46 -1.40
CA GLY A 623 -39.20 -11.42 -2.01
C GLY A 623 -40.53 -11.45 -1.27
N GLN A 624 -40.44 -11.44 0.06
CA GLN A 624 -41.64 -11.50 0.90
C GLN A 624 -42.48 -10.23 0.80
N ILE A 625 -41.83 -9.07 0.81
CA ILE A 625 -42.56 -7.80 0.66
C ILE A 625 -43.24 -7.73 -0.71
N THR A 626 -42.54 -8.24 -1.73
CA THR A 626 -43.07 -8.25 -3.08
C THR A 626 -44.32 -9.11 -3.16
N GLN A 627 -44.26 -10.29 -2.55
CA GLN A 627 -45.38 -11.20 -2.56
C GLN A 627 -46.55 -10.60 -1.78
N ALA A 628 -46.24 -9.89 -0.69
CA ALA A 628 -47.28 -9.22 0.08
C ALA A 628 -47.99 -8.20 -0.80
N GLN A 629 -47.23 -7.37 -1.51
CA GLN A 629 -47.81 -6.31 -2.31
C GLN A 629 -48.60 -6.89 -3.48
N GLN A 630 -48.13 -8.00 -4.03
CA GLN A 630 -48.82 -8.64 -5.14
C GLN A 630 -50.12 -9.31 -4.69
N SER A 631 -50.36 -9.37 -3.38
CA SER A 631 -51.57 -10.01 -2.88
C SER A 631 -52.59 -9.05 -2.26
N VAL A 632 -52.37 -7.74 -2.38
CA VAL A 632 -53.29 -6.77 -1.79
C VAL A 632 -54.60 -6.72 -2.57
N SER A 633 -55.61 -6.14 -1.96
CA SER A 633 -56.91 -5.93 -2.58
C SER A 633 -56.77 -5.27 -3.94
#